data_6CKW
#
_entry.id   6CKW
#
_cell.length_a   134.330
_cell.length_b   134.330
_cell.length_c   134.330
_cell.angle_alpha   90.000
_cell.angle_beta   90.000
_cell.angle_gamma   90.000
#
_symmetry.space_group_name_H-M   'I 2 3'
#
loop_
_entity.id
_entity.type
_entity.pdbx_description
1 polymer 'Phosphopantetheine adenylyltransferase'
2 non-polymer (3R)-3-[(7-{[(2S)-2-amino-2-(2-methoxyphenyl)ethyl]amino}-5-methyl[1,2,4]triazolo[1,5-a]pyrimidin-2-yl)amino]-3-(3-chlorophenyl)propanenitrile
3 non-polymer 'SULFATE ION'
4 non-polymer 'DIMETHYL SULFOXIDE'
5 non-polymer 'TETRAETHYLENE GLYCOL'
6 water water
#
_entity_poly.entity_id   1
_entity_poly.type   'polypeptide(L)'
_entity_poly.pdbx_seq_one_letter_code
;MQKRAIYPGTFDPITNGHIDIVTRATQMFDHVILAIAASPSKKPMFTLEERVALAQQATAHLGNVEVVGFSDLMANFARN
QHATVLIRGLRAVADFEYEMQLAHMNRHLMPELESVFLMPSKEWSFISSSLVKEVARHQGDVTHFLPENVHQALMAKLAV
D
;
_entity_poly.pdbx_strand_id   A,B
#
loop_
_chem_comp.id
_chem_comp.type
_chem_comp.name
_chem_comp.formula
DMS non-polymer 'DIMETHYL SULFOXIDE' 'C2 H6 O S'
F6D non-polymer (3R)-3-[(7-{[(2S)-2-amino-2-(2-methoxyphenyl)ethyl]amino}-5-methyl[1,2,4]triazolo[1,5-a]pyrimidin-2-yl)amino]-3-(3-chlorophenyl)propanenitrile 'C24 H25 Cl N8 O'
PG4 non-polymer 'TETRAETHYLENE GLYCOL' 'C8 H18 O5'
SO4 non-polymer 'SULFATE ION' 'O4 S -2'
#
# COMPACT_ATOMS: atom_id res chain seq x y z
N LYS A 3 -3.06 6.19 15.81
CA LYS A 3 -2.30 6.07 14.56
C LYS A 3 -2.63 7.24 13.62
N ARG A 4 -1.58 7.93 13.18
CA ARG A 4 -1.70 9.11 12.33
C ARG A 4 -1.04 8.89 10.98
N ALA A 5 -1.76 9.22 9.91
CA ALA A 5 -1.25 9.11 8.56
C ALA A 5 -1.27 10.44 7.83
N ILE A 6 -0.33 10.62 6.92
CA ILE A 6 -0.32 11.79 6.07
C ILE A 6 -0.54 11.32 4.63
N TYR A 7 -1.27 12.07 3.86
CA TYR A 7 -1.50 11.77 2.45
C TYR A 7 -1.04 13.05 1.70
N PRO A 8 0.24 13.09 1.25
CA PRO A 8 0.75 14.30 0.58
C PRO A 8 0.63 14.25 -0.95
N GLY A 9 0.42 15.40 -1.55
CA GLY A 9 0.29 15.50 -3.00
C GLY A 9 0.13 16.92 -3.46
N THR A 10 0.12 17.14 -4.79
CA THR A 10 -0.09 18.49 -5.36
C THR A 10 -1.57 18.87 -5.30
N PHE A 11 -2.47 17.90 -5.56
CA PHE A 11 -3.94 18.11 -5.49
C PHE A 11 -4.33 19.37 -6.23
N ASP A 12 -3.95 19.43 -7.50
CA ASP A 12 -4.21 20.58 -8.36
C ASP A 12 -5.15 20.32 -9.55
N PRO A 13 -6.48 20.23 -9.35
CA PRO A 13 -7.20 20.25 -8.07
C PRO A 13 -7.42 18.83 -7.53
N ILE A 14 -7.95 18.75 -6.31
CA ILE A 14 -8.32 17.47 -5.72
C ILE A 14 -9.46 16.85 -6.58
N THR A 15 -9.36 15.57 -6.92
CA THR A 15 -10.38 14.88 -7.74
C THR A 15 -11.10 13.83 -6.87
N ASN A 16 -12.13 13.16 -7.45
CA ASN A 16 -12.82 12.06 -6.79
C ASN A 16 -11.90 10.86 -6.52
N GLY A 17 -10.81 10.73 -7.32
CA GLY A 17 -9.79 9.71 -7.09
C GLY A 17 -9.07 9.97 -5.78
N HIS A 18 -8.70 11.24 -5.51
CA HIS A 18 -8.08 11.64 -4.24
C HIS A 18 -9.05 11.50 -3.07
N ILE A 19 -10.33 11.84 -3.29
CA ILE A 19 -11.35 11.71 -2.24
C ILE A 19 -11.50 10.25 -1.85
N ASP A 20 -11.54 9.38 -2.85
CA ASP A 20 -11.65 7.94 -2.65
C ASP A 20 -10.50 7.48 -1.74
N ILE A 21 -9.24 7.89 -2.06
CA ILE A 21 -8.05 7.48 -1.27
C ILE A 21 -8.12 7.98 0.16
N VAL A 22 -8.38 9.30 0.34
CA VAL A 22 -8.43 9.88 1.67
C VAL A 22 -9.58 9.28 2.50
N THR A 23 -10.73 8.95 1.86
CA THR A 23 -11.85 8.30 2.55
C THR A 23 -11.42 6.93 3.06
N ARG A 24 -10.73 6.13 2.22
CA ARG A 24 -10.24 4.80 2.65
C ARG A 24 -9.23 4.95 3.80
N ALA A 25 -8.40 5.99 3.74
CA ALA A 25 -7.41 6.25 4.80
C ALA A 25 -8.10 6.56 6.16
N THR A 26 -9.21 7.33 6.15
CA THR A 26 -9.97 7.67 7.37
C THR A 26 -10.57 6.47 8.06
N GLN A 27 -10.80 5.38 7.32
CA GLN A 27 -11.38 4.15 7.87
C GLN A 27 -10.29 3.27 8.49
N MET A 28 -9.01 3.58 8.22
CA MET A 28 -7.89 2.82 8.78
C MET A 28 -7.11 3.55 9.86
N PHE A 29 -7.10 4.88 9.84
CA PHE A 29 -6.32 5.67 10.81
C PHE A 29 -7.19 6.60 11.62
N ASP A 30 -6.79 6.85 12.86
CA ASP A 30 -7.51 7.74 13.78
C ASP A 30 -7.51 9.17 13.27
N HIS A 31 -6.39 9.61 12.65
CA HIS A 31 -6.27 10.97 12.14
C HIS A 31 -5.49 10.96 10.81
N VAL A 32 -6.05 11.63 9.80
CA VAL A 32 -5.43 11.72 8.48
C VAL A 32 -5.12 13.19 8.20
N ILE A 33 -3.87 13.48 7.81
CA ILE A 33 -3.50 14.82 7.41
C ILE A 33 -3.42 14.78 5.88
N LEU A 34 -4.28 15.55 5.19
CA LEU A 34 -4.26 15.66 3.73
C LEU A 34 -3.31 16.85 3.49
N ALA A 35 -2.10 16.58 3.00
CA ALA A 35 -1.06 17.62 2.90
C ALA A 35 -0.86 18.07 1.47
N ILE A 36 -1.09 19.34 1.21
CA ILE A 36 -1.04 19.90 -0.15
C ILE A 36 0.28 20.60 -0.34
N ALA A 37 1.06 20.12 -1.31
CA ALA A 37 2.36 20.68 -1.59
C ALA A 37 2.24 21.91 -2.45
N ALA A 38 3.00 22.99 -2.13
CA ALA A 38 2.98 24.22 -2.95
C ALA A 38 3.28 23.82 -4.41
N SER A 39 4.25 22.88 -4.60
CA SER A 39 4.59 22.23 -5.87
C SER A 39 4.81 23.23 -7.02
N PRO A 40 5.68 24.26 -6.86
CA PRO A 40 5.88 25.24 -7.95
C PRO A 40 6.46 24.67 -9.26
N SER A 41 7.23 23.55 -9.21
N SER A 41 7.23 23.54 -9.21
CA SER A 41 7.82 22.94 -10.41
CA SER A 41 7.80 22.92 -10.42
C SER A 41 6.76 22.39 -11.37
C SER A 41 6.74 22.40 -11.37
N LYS A 42 5.52 22.15 -10.85
CA LYS A 42 4.39 21.67 -11.66
C LYS A 42 3.60 22.88 -12.16
N LYS A 43 4.04 24.12 -11.82
CA LYS A 43 3.37 25.39 -12.14
C LYS A 43 1.84 25.19 -11.98
N PRO A 44 1.34 25.00 -10.73
CA PRO A 44 -0.09 24.65 -10.57
C PRO A 44 -1.08 25.67 -11.09
N MET A 45 -2.26 25.18 -11.48
CA MET A 45 -3.33 26.04 -11.97
C MET A 45 -3.92 26.84 -10.81
N PHE A 46 -4.00 26.23 -9.61
CA PHE A 46 -4.58 26.89 -8.45
C PHE A 46 -3.49 27.20 -7.47
N THR A 47 -3.64 28.31 -6.74
CA THR A 47 -2.65 28.67 -5.69
C THR A 47 -2.78 27.65 -4.57
N LEU A 48 -1.77 27.61 -3.70
CA LEU A 48 -1.80 26.70 -2.57
C LEU A 48 -3.02 26.97 -1.66
N GLU A 49 -3.29 28.25 -1.39
CA GLU A 49 -4.40 28.66 -0.53
C GLU A 49 -5.75 28.17 -1.11
N GLU A 50 -5.95 28.30 -2.44
CA GLU A 50 -7.15 27.81 -3.14
C GLU A 50 -7.27 26.29 -3.02
N ARG A 51 -6.16 25.53 -3.24
CA ARG A 51 -6.17 24.07 -3.17
C ARG A 51 -6.50 23.55 -1.76
N VAL A 52 -5.99 24.23 -0.72
CA VAL A 52 -6.28 23.88 0.68
C VAL A 52 -7.79 24.15 0.93
N ALA A 53 -8.31 25.35 0.59
CA ALA A 53 -9.74 25.66 0.78
C ALA A 53 -10.63 24.66 0.04
N LEU A 54 -10.26 24.29 -1.20
CA LEU A 54 -11.04 23.32 -1.97
C LEU A 54 -11.06 21.95 -1.31
N ALA A 55 -9.89 21.42 -0.90
CA ALA A 55 -9.78 20.12 -0.25
C ALA A 55 -10.48 20.16 1.14
N GLN A 56 -10.43 21.30 1.85
CA GLN A 56 -11.14 21.43 3.14
C GLN A 56 -12.66 21.28 2.96
N GLN A 57 -13.24 21.99 1.97
CA GLN A 57 -14.68 21.91 1.70
C GLN A 57 -15.07 20.50 1.20
N ALA A 58 -14.23 19.89 0.35
CA ALA A 58 -14.47 18.55 -0.23
C ALA A 58 -14.36 17.39 0.79
N THR A 59 -13.62 17.60 1.90
CA THR A 59 -13.42 16.55 2.92
C THR A 59 -14.10 16.87 4.28
N ALA A 60 -14.85 17.99 4.38
CA ALA A 60 -15.52 18.43 5.63
C ALA A 60 -16.47 17.38 6.24
N HIS A 61 -17.01 16.45 5.42
CA HIS A 61 -17.91 15.39 5.88
C HIS A 61 -17.14 14.24 6.59
N LEU A 62 -15.79 14.22 6.46
CA LEU A 62 -14.91 13.26 7.11
C LEU A 62 -14.36 13.96 8.34
N GLY A 63 -14.83 13.54 9.51
CA GLY A 63 -14.50 14.16 10.79
C GLY A 63 -13.06 14.09 11.26
N ASN A 64 -12.28 13.11 10.76
CA ASN A 64 -10.90 12.91 11.19
C ASN A 64 -9.85 13.27 10.12
N VAL A 65 -10.20 14.19 9.20
CA VAL A 65 -9.30 14.70 8.17
C VAL A 65 -8.92 16.14 8.55
N GLU A 66 -7.63 16.46 8.43
CA GLU A 66 -7.10 17.79 8.65
C GLU A 66 -6.37 18.18 7.33
N VAL A 67 -6.71 19.30 6.71
CA VAL A 67 -6.08 19.73 5.45
C VAL A 67 -5.04 20.81 5.77
N VAL A 68 -3.77 20.59 5.35
N VAL A 68 -3.81 20.63 5.30
CA VAL A 68 -2.64 21.52 5.61
CA VAL A 68 -2.73 21.61 5.54
C VAL A 68 -1.77 21.68 4.35
C VAL A 68 -1.90 21.75 4.26
N GLY A 69 -1.19 22.87 4.15
CA GLY A 69 -0.29 23.13 3.03
C GLY A 69 1.15 22.96 3.49
N PHE A 70 2.09 22.64 2.57
CA PHE A 70 3.52 22.51 2.92
C PHE A 70 4.45 22.75 1.73
N SER A 71 5.69 23.16 1.99
CA SER A 71 6.71 23.29 0.94
C SER A 71 7.95 22.44 1.36
N ASP A 72 7.91 21.84 2.57
CA ASP A 72 9.01 21.04 3.15
C ASP A 72 9.24 19.74 2.42
N LEU A 73 10.35 19.07 2.72
CA LEU A 73 10.63 17.68 2.26
C LEU A 73 9.48 16.87 2.88
N MET A 74 8.77 16.07 2.08
CA MET A 74 7.58 15.37 2.60
C MET A 74 7.87 14.44 3.80
N ALA A 75 9.09 13.85 3.89
CA ALA A 75 9.45 12.97 5.02
C ALA A 75 9.58 13.78 6.31
N ASN A 76 10.08 15.03 6.21
CA ASN A 76 10.17 15.90 7.39
C ASN A 76 8.79 16.34 7.82
N PHE A 77 7.95 16.70 6.86
CA PHE A 77 6.59 17.16 7.11
C PHE A 77 5.75 16.07 7.81
N ALA A 78 5.92 14.81 7.41
CA ALA A 78 5.27 13.64 8.05
C ALA A 78 5.69 13.55 9.52
N ARG A 79 7.01 13.68 9.78
CA ARG A 79 7.54 13.65 11.15
C ARG A 79 6.93 14.81 11.96
N ASN A 80 6.80 16.00 11.36
CA ASN A 80 6.25 17.17 12.04
C ASN A 80 4.78 17.06 12.33
N GLN A 81 4.05 16.22 11.58
CA GLN A 81 2.62 15.97 11.83
C GLN A 81 2.46 14.79 12.77
N HIS A 82 3.59 14.22 13.27
CA HIS A 82 3.61 13.03 14.14
C HIS A 82 2.95 11.84 13.41
N ALA A 83 3.15 11.76 12.09
CA ALA A 83 2.56 10.70 11.29
C ALA A 83 3.60 9.61 11.10
N THR A 84 3.22 8.35 11.31
CA THR A 84 4.18 7.24 11.11
C THR A 84 3.90 6.54 9.79
N VAL A 85 2.82 6.95 9.10
CA VAL A 85 2.41 6.37 7.82
C VAL A 85 2.27 7.47 6.77
N LEU A 86 2.85 7.25 5.59
CA LEU A 86 2.71 8.17 4.46
C LEU A 86 1.95 7.38 3.41
N ILE A 87 0.77 7.90 3.04
CA ILE A 87 -0.15 7.24 2.07
C ILE A 87 0.05 7.81 0.67
N ARG A 88 0.02 6.95 -0.36
CA ARG A 88 0.03 7.38 -1.76
C ARG A 88 -0.93 6.45 -2.52
N GLY A 89 -1.68 7.01 -3.47
CA GLY A 89 -2.58 6.22 -4.30
C GLY A 89 -1.77 5.59 -5.42
N LEU A 90 -2.16 4.39 -5.89
CA LEU A 90 -1.47 3.75 -7.03
C LEU A 90 -2.49 3.46 -8.11
N ARG A 91 -2.29 3.99 -9.35
CA ARG A 91 -3.20 3.72 -10.46
C ARG A 91 -2.58 2.84 -11.53
N ALA A 92 -1.51 3.34 -12.15
CA ALA A 92 -0.90 2.74 -13.32
C ALA A 92 0.56 2.40 -13.12
N VAL A 93 1.17 1.74 -14.11
CA VAL A 93 2.58 1.32 -14.09
C VAL A 93 3.51 2.52 -13.92
N ALA A 94 3.25 3.63 -14.66
CA ALA A 94 4.06 4.86 -14.56
C ALA A 94 4.10 5.37 -13.13
N ASP A 95 2.92 5.42 -12.46
CA ASP A 95 2.83 5.85 -11.07
C ASP A 95 3.63 4.88 -10.21
N PHE A 96 3.42 3.57 -10.41
CA PHE A 96 4.12 2.55 -9.63
C PHE A 96 5.66 2.73 -9.64
N GLU A 97 6.26 2.98 -10.81
CA GLU A 97 7.73 3.13 -10.90
C GLU A 97 8.20 4.35 -10.14
N TYR A 98 7.50 5.48 -10.35
CA TYR A 98 7.77 6.74 -9.66
C TYR A 98 7.62 6.52 -8.14
N GLU A 99 6.49 5.88 -7.70
CA GLU A 99 6.23 5.62 -6.27
C GLU A 99 7.29 4.72 -5.63
N MET A 100 7.83 3.75 -6.37
CA MET A 100 8.93 2.92 -5.86
C MET A 100 10.18 3.78 -5.55
N GLN A 101 10.53 4.70 -6.44
CA GLN A 101 11.66 5.61 -6.22
C GLN A 101 11.42 6.51 -5.02
N LEU A 102 10.21 7.07 -4.93
CA LEU A 102 9.81 7.95 -3.86
C LEU A 102 9.84 7.25 -2.50
N ALA A 103 9.26 6.03 -2.42
CA ALA A 103 9.22 5.24 -1.19
C ALA A 103 10.62 4.85 -0.70
N HIS A 104 11.51 4.40 -1.60
CA HIS A 104 12.89 4.06 -1.23
C HIS A 104 13.68 5.26 -0.77
N MET A 105 13.45 6.43 -1.38
CA MET A 105 14.13 7.65 -0.94
C MET A 105 13.57 8.07 0.42
N ASN A 106 12.25 8.02 0.60
CA ASN A 106 11.64 8.40 1.87
C ASN A 106 12.11 7.48 2.99
N ARG A 107 12.33 6.19 2.65
CA ARG A 107 12.80 5.21 3.63
C ARG A 107 14.25 5.55 4.06
N HIS A 108 15.09 5.96 3.09
CA HIS A 108 16.46 6.38 3.35
C HIS A 108 16.46 7.60 4.30
N LEU A 109 15.59 8.58 4.03
CA LEU A 109 15.51 9.81 4.83
C LEU A 109 14.84 9.60 6.21
N MET A 110 13.81 8.73 6.30
CA MET A 110 13.06 8.48 7.54
C MET A 110 12.69 7.01 7.58
N PRO A 111 13.58 6.12 8.05
CA PRO A 111 13.28 4.68 8.02
C PRO A 111 12.09 4.24 8.90
N GLU A 112 11.73 5.03 9.93
CA GLU A 112 10.61 4.69 10.80
C GLU A 112 9.26 5.11 10.18
N LEU A 113 9.27 5.89 9.09
CA LEU A 113 8.06 6.32 8.41
C LEU A 113 7.70 5.25 7.38
N GLU A 114 6.51 4.66 7.48
CA GLU A 114 6.12 3.60 6.56
C GLU A 114 5.31 4.14 5.39
N SER A 115 5.72 3.81 4.16
CA SER A 115 4.98 4.21 2.96
C SER A 115 3.93 3.13 2.73
N VAL A 116 2.67 3.53 2.58
CA VAL A 116 1.55 2.61 2.38
C VAL A 116 0.84 3.02 1.10
N PHE A 117 0.49 2.04 0.28
CA PHE A 117 -0.19 2.34 -0.97
C PHE A 117 -1.59 1.81 -1.00
N LEU A 118 -2.51 2.61 -1.55
CA LEU A 118 -3.92 2.26 -1.71
C LEU A 118 -4.27 2.36 -3.18
N MET A 119 -5.17 1.50 -3.63
CA MET A 119 -5.60 1.55 -5.02
C MET A 119 -6.98 2.18 -5.07
N PRO A 120 -7.24 3.13 -5.97
CA PRO A 120 -8.56 3.75 -6.00
C PRO A 120 -9.57 2.83 -6.65
N SER A 121 -10.85 3.18 -6.55
CA SER A 121 -11.95 2.49 -7.20
C SER A 121 -11.61 2.42 -8.70
N LYS A 122 -12.14 1.42 -9.38
CA LYS A 122 -12.01 1.32 -10.85
C LYS A 122 -12.57 2.62 -11.49
N GLU A 123 -13.57 3.24 -10.85
CA GLU A 123 -14.21 4.46 -11.34
C GLU A 123 -13.19 5.60 -11.61
N TRP A 124 -12.14 5.67 -10.78
CA TRP A 124 -11.13 6.72 -10.80
C TRP A 124 -9.75 6.26 -11.21
N SER A 125 -9.63 5.00 -11.68
CA SER A 125 -8.35 4.41 -12.03
C SER A 125 -7.75 4.89 -13.33
N PHE A 126 -8.52 5.68 -14.11
CA PHE A 126 -8.05 6.17 -15.42
C PHE A 126 -8.05 7.69 -15.52
N ILE A 127 -8.14 8.37 -14.38
CA ILE A 127 -8.11 9.84 -14.35
C ILE A 127 -6.91 10.36 -13.55
N SER A 128 -6.60 11.64 -13.73
CA SER A 128 -5.59 12.38 -13.00
C SER A 128 -6.07 13.82 -13.00
N SER A 129 -5.52 14.67 -12.12
CA SER A 129 -5.84 16.10 -12.09
C SER A 129 -5.51 16.69 -13.45
N SER A 130 -4.34 16.29 -14.02
CA SER A 130 -3.87 16.83 -15.32
C SER A 130 -4.83 16.50 -16.46
N LEU A 131 -5.35 15.26 -16.51
CA LEU A 131 -6.30 14.90 -17.58
C LEU A 131 -7.60 15.71 -17.44
N VAL A 132 -8.14 15.78 -16.20
CA VAL A 132 -9.37 16.50 -15.90
C VAL A 132 -9.26 17.99 -16.33
N LYS A 133 -8.16 18.65 -15.96
CA LYS A 133 -7.94 20.06 -16.33
C LYS A 133 -7.93 20.26 -17.84
N GLU A 134 -7.30 19.36 -18.60
CA GLU A 134 -7.20 19.45 -20.06
C GLU A 134 -8.55 19.20 -20.73
N VAL A 135 -9.34 18.25 -20.21
CA VAL A 135 -10.68 17.98 -20.72
C VAL A 135 -11.49 19.24 -20.49
N ALA A 136 -11.44 19.81 -19.29
CA ALA A 136 -12.19 21.04 -18.97
C ALA A 136 -11.71 22.25 -19.81
N ARG A 137 -10.40 22.33 -20.10
CA ARG A 137 -9.84 23.41 -20.91
C ARG A 137 -10.44 23.36 -22.35
N HIS A 138 -10.81 22.15 -22.81
CA HIS A 138 -11.38 21.96 -24.14
C HIS A 138 -12.92 21.88 -24.13
N GLN A 139 -13.56 22.41 -23.06
CA GLN A 139 -15.03 22.48 -22.90
C GLN A 139 -15.68 21.10 -22.73
N GLY A 140 -14.92 20.13 -22.23
CA GLY A 140 -15.44 18.79 -21.95
C GLY A 140 -16.00 18.76 -20.54
N ASP A 141 -17.10 18.05 -20.34
CA ASP A 141 -17.70 18.04 -19.01
C ASP A 141 -16.99 17.05 -18.08
N VAL A 142 -16.62 17.54 -16.89
CA VAL A 142 -15.86 16.75 -15.89
C VAL A 142 -16.57 16.75 -14.53
N THR A 143 -17.90 16.96 -14.52
CA THR A 143 -18.68 16.98 -13.25
C THR A 143 -18.61 15.63 -12.52
N HIS A 144 -18.50 14.53 -13.28
CA HIS A 144 -18.44 13.20 -12.68
C HIS A 144 -17.13 12.92 -11.90
N PHE A 145 -16.06 13.64 -12.22
CA PHE A 145 -14.73 13.39 -11.67
C PHE A 145 -14.32 14.25 -10.53
N LEU A 146 -15.11 15.27 -10.22
CA LEU A 146 -14.70 16.20 -9.18
C LEU A 146 -15.77 16.48 -8.14
N PRO A 147 -15.36 16.80 -6.89
CA PRO A 147 -16.35 17.29 -5.92
C PRO A 147 -17.01 18.54 -6.52
N GLU A 148 -18.27 18.80 -6.16
CA GLU A 148 -19.03 19.94 -6.70
C GLU A 148 -18.28 21.27 -6.59
N ASN A 149 -17.76 21.61 -5.38
CA ASN A 149 -17.04 22.86 -5.13
C ASN A 149 -15.77 23.00 -6.01
N VAL A 150 -15.11 21.88 -6.31
CA VAL A 150 -13.92 21.86 -7.15
C VAL A 150 -14.30 22.09 -8.60
N HIS A 151 -15.37 21.44 -9.07
CA HIS A 151 -15.83 21.66 -10.43
C HIS A 151 -16.17 23.16 -10.64
N GLN A 152 -16.88 23.78 -9.67
CA GLN A 152 -17.23 25.21 -9.69
C GLN A 152 -15.97 26.08 -9.82
N ALA A 153 -14.95 25.83 -8.98
CA ALA A 153 -13.70 26.59 -8.98
C ALA A 153 -12.92 26.40 -10.29
N LEU A 154 -12.91 25.18 -10.85
CA LEU A 154 -12.22 24.92 -12.12
C LEU A 154 -12.92 25.68 -13.28
N MET A 155 -14.26 25.67 -13.32
CA MET A 155 -15.04 26.40 -14.34
C MET A 155 -14.77 27.91 -14.20
N ALA A 156 -14.77 28.40 -12.95
CA ALA A 156 -14.52 29.81 -12.64
C ALA A 156 -13.13 30.24 -13.08
N LYS A 157 -12.10 29.41 -12.81
CA LYS A 157 -10.70 29.73 -13.17
C LYS A 157 -10.52 29.79 -14.72
N LEU A 158 -11.14 28.85 -15.45
CA LEU A 158 -11.07 28.82 -16.92
C LEU A 158 -11.92 29.89 -17.60
N ALA A 159 -12.98 30.41 -16.94
CA ALA A 159 -13.89 31.41 -17.52
C ALA A 159 -13.21 32.72 -17.87
N GLN B 2 -6.67 -3.58 18.41
CA GLN B 2 -7.85 -2.92 17.83
C GLN B 2 -7.82 -3.06 16.32
N LYS B 3 -6.78 -2.54 15.66
CA LYS B 3 -6.69 -2.70 14.21
C LYS B 3 -6.01 -4.05 13.91
N ARG B 4 -6.68 -4.90 13.12
CA ARG B 4 -6.17 -6.22 12.79
C ARG B 4 -5.94 -6.35 11.32
N ALA B 5 -4.82 -6.95 10.93
CA ALA B 5 -4.48 -7.13 9.52
C ALA B 5 -4.08 -8.56 9.23
N ILE B 6 -4.37 -9.02 8.00
CA ILE B 6 -3.91 -10.33 7.56
C ILE B 6 -2.87 -10.07 6.49
N TYR B 7 -1.88 -10.94 6.37
CA TYR B 7 -0.85 -10.89 5.35
C TYR B 7 -0.87 -12.28 4.69
N PRO B 8 -1.72 -12.48 3.63
CA PRO B 8 -1.83 -13.82 3.02
C PRO B 8 -0.82 -14.09 1.92
N GLY B 9 -0.45 -15.36 1.77
CA GLY B 9 0.47 -15.80 0.75
C GLY B 9 0.73 -17.28 0.80
N THR B 10 1.46 -17.77 -0.19
CA THR B 10 1.87 -19.18 -0.28
C THR B 10 3.07 -19.41 0.65
N PHE B 11 4.04 -18.46 0.73
CA PHE B 11 5.23 -18.52 1.59
C PHE B 11 5.89 -19.89 1.44
N ASP B 12 6.30 -20.22 0.20
CA ASP B 12 6.86 -21.52 -0.12
C ASP B 12 8.32 -21.48 -0.59
N PRO B 13 9.31 -21.28 0.29
CA PRO B 13 9.22 -20.97 1.72
C PRO B 13 9.18 -19.47 2.00
N ILE B 14 8.98 -19.09 3.25
CA ILE B 14 9.01 -17.68 3.67
C ILE B 14 10.49 -17.18 3.45
N THR B 15 10.65 -16.00 2.84
CA THR B 15 11.99 -15.45 2.58
C THR B 15 12.20 -14.22 3.47
N ASN B 16 13.39 -13.59 3.37
CA ASN B 16 13.67 -12.32 4.05
C ASN B 16 12.80 -11.19 3.50
N GLY B 17 12.32 -11.31 2.24
CA GLY B 17 11.38 -10.35 1.65
C GLY B 17 10.04 -10.38 2.39
N HIS B 18 9.54 -11.59 2.70
CA HIS B 18 8.30 -11.74 3.48
C HIS B 18 8.50 -11.25 4.91
N ILE B 19 9.65 -11.57 5.54
CA ILE B 19 9.95 -11.12 6.91
C ILE B 19 9.95 -9.60 6.96
N ASP B 20 10.53 -8.96 5.95
CA ASP B 20 10.59 -7.51 5.85
C ASP B 20 9.16 -6.95 5.87
N ILE B 21 8.27 -7.50 5.03
CA ILE B 21 6.88 -7.03 4.92
C ILE B 21 6.12 -7.23 6.20
N VAL B 22 6.17 -8.43 6.79
CA VAL B 22 5.44 -8.71 8.03
C VAL B 22 5.94 -7.87 9.21
N THR B 23 7.26 -7.58 9.28
CA THR B 23 7.84 -6.74 10.33
C THR B 23 7.29 -5.31 10.24
N ARG B 24 7.25 -4.75 9.04
CA ARG B 24 6.70 -3.39 8.82
C ARG B 24 5.21 -3.37 9.20
N ALA B 25 4.44 -4.44 8.85
CA ALA B 25 3.02 -4.54 9.21
C ALA B 25 2.82 -4.53 10.73
N THR B 26 3.73 -5.20 11.50
CA THR B 26 3.66 -5.23 12.98
C THR B 26 3.81 -3.85 13.62
N GLN B 27 4.48 -2.92 12.92
CA GLN B 27 4.69 -1.55 13.40
C GLN B 27 3.48 -0.65 13.19
N MET B 28 2.56 -1.10 12.33
N MET B 28 2.54 -1.08 12.32
CA MET B 28 1.36 -0.36 11.92
CA MET B 28 1.34 -0.29 12.02
C MET B 28 0.07 -0.88 12.55
C MET B 28 0.07 -0.86 12.63
N PHE B 29 0.02 -2.19 12.83
CA PHE B 29 -1.18 -2.85 13.35
C PHE B 29 -0.93 -3.52 14.65
N ASP B 30 -1.97 -3.57 15.50
CA ASP B 30 -1.92 -4.19 16.81
C ASP B 30 -1.73 -5.69 16.70
N HIS B 31 -2.38 -6.31 15.70
CA HIS B 31 -2.29 -7.75 15.49
C HIS B 31 -2.16 -8.05 14.00
N VAL B 32 -1.21 -8.93 13.65
CA VAL B 32 -0.99 -9.30 12.25
C VAL B 32 -1.10 -10.80 12.15
N ILE B 33 -1.94 -11.27 11.23
CA ILE B 33 -2.08 -12.70 10.99
C ILE B 33 -1.31 -12.99 9.70
N LEU B 34 -0.21 -13.72 9.80
CA LEU B 34 0.52 -14.18 8.63
C LEU B 34 -0.24 -15.44 8.20
N ALA B 35 -0.96 -15.34 7.08
CA ALA B 35 -1.91 -16.35 6.60
C ALA B 35 -1.31 -17.20 5.50
N ILE B 36 -1.17 -18.51 5.74
CA ILE B 36 -0.51 -19.41 4.77
C ILE B 36 -1.52 -20.26 4.01
N ALA B 37 -1.49 -20.14 2.68
CA ALA B 37 -2.38 -20.84 1.76
C ALA B 37 -2.16 -22.34 1.85
N ALA B 38 -3.20 -23.09 2.23
CA ALA B 38 -3.11 -24.54 2.39
C ALA B 38 -2.90 -25.28 1.07
N SER B 39 -3.68 -24.94 0.04
CA SER B 39 -3.69 -25.68 -1.22
C SER B 39 -3.64 -24.79 -2.45
N PRO B 40 -2.51 -24.11 -2.75
CA PRO B 40 -2.45 -23.34 -4.01
C PRO B 40 -2.60 -24.24 -5.24
N SER B 41 -3.03 -23.68 -6.38
CA SER B 41 -3.18 -24.42 -7.64
C SER B 41 -1.84 -25.06 -8.06
N LYS B 42 -0.74 -24.36 -7.78
CA LYS B 42 0.61 -24.83 -8.07
C LYS B 42 1.07 -25.61 -6.83
N LYS B 43 1.49 -26.88 -7.01
CA LYS B 43 1.91 -27.72 -5.88
C LYS B 43 3.15 -27.11 -5.20
N PRO B 44 3.10 -26.85 -3.87
CA PRO B 44 4.27 -26.24 -3.21
C PRO B 44 5.38 -27.23 -2.97
N MET B 45 6.62 -26.72 -2.80
CA MET B 45 7.76 -27.57 -2.50
C MET B 45 7.61 -28.06 -1.05
N PHE B 46 7.19 -27.15 -0.17
CA PHE B 46 7.03 -27.48 1.25
C PHE B 46 5.55 -27.69 1.55
N THR B 47 5.22 -28.69 2.38
CA THR B 47 3.83 -28.97 2.75
C THR B 47 3.32 -27.82 3.65
N LEU B 48 2.00 -27.74 3.86
CA LEU B 48 1.45 -26.71 4.72
C LEU B 48 2.07 -26.76 6.14
N GLU B 49 2.15 -27.96 6.74
CA GLU B 49 2.76 -28.09 8.07
C GLU B 49 4.18 -27.51 8.12
N GLU B 50 5.00 -27.77 7.08
CA GLU B 50 6.39 -27.26 7.02
C GLU B 50 6.39 -25.73 6.87
N ARG B 51 5.55 -25.19 5.98
CA ARG B 51 5.50 -23.73 5.72
C ARG B 51 5.05 -22.97 6.97
N VAL B 52 4.07 -23.51 7.71
CA VAL B 52 3.58 -22.92 8.96
C VAL B 52 4.69 -22.98 10.02
N ALA B 53 5.33 -24.16 10.20
CA ALA B 53 6.41 -24.30 11.19
C ALA B 53 7.58 -23.33 10.88
N LEU B 54 7.94 -23.19 9.60
CA LEU B 54 9.04 -22.30 9.23
C LEU B 54 8.69 -20.82 9.49
N ALA B 55 7.49 -20.41 9.11
CA ALA B 55 7.03 -19.03 9.31
C ALA B 55 6.92 -18.68 10.79
N GLN B 56 6.46 -19.63 11.63
CA GLN B 56 6.33 -19.43 13.10
C GLN B 56 7.70 -19.20 13.74
N GLN B 57 8.69 -20.06 13.40
CA GLN B 57 10.06 -19.93 13.95
C GLN B 57 10.67 -18.61 13.46
N ALA B 58 10.48 -18.28 12.18
CA ALA B 58 11.06 -17.05 11.60
C ALA B 58 10.40 -15.76 12.10
N THR B 59 9.17 -15.80 12.64
CA THR B 59 8.49 -14.59 13.16
C THR B 59 8.30 -14.60 14.68
N ALA B 60 8.86 -15.63 15.37
CA ALA B 60 8.76 -15.83 16.84
C ALA B 60 9.23 -14.61 17.66
N HIS B 61 10.17 -13.79 17.13
CA HIS B 61 10.66 -12.57 17.78
C HIS B 61 9.63 -11.41 17.68
N LEU B 62 8.62 -11.54 16.81
CA LEU B 62 7.59 -10.50 16.65
C LEU B 62 6.39 -10.93 17.49
N GLY B 63 6.15 -10.18 18.56
CA GLY B 63 5.11 -10.51 19.52
C GLY B 63 3.65 -10.42 19.10
N ASN B 64 3.36 -9.67 18.04
CA ASN B 64 1.96 -9.47 17.60
C ASN B 64 1.65 -10.12 16.25
N VAL B 65 2.37 -11.22 15.92
CA VAL B 65 2.15 -12.00 14.70
C VAL B 65 1.65 -13.37 15.13
N GLU B 66 0.64 -13.87 14.46
CA GLU B 66 0.16 -15.23 14.61
C GLU B 66 0.21 -15.85 13.22
N VAL B 67 0.76 -17.05 13.08
CA VAL B 67 0.82 -17.74 11.80
C VAL B 67 -0.37 -18.70 11.74
N VAL B 68 -1.20 -18.62 10.68
CA VAL B 68 -2.40 -19.45 10.56
C VAL B 68 -2.52 -19.99 9.10
N GLY B 69 -2.88 -21.26 8.96
CA GLY B 69 -3.12 -21.85 7.65
C GLY B 69 -4.56 -21.60 7.24
N PHE B 70 -4.83 -21.42 5.93
CA PHE B 70 -6.21 -21.21 5.46
C PHE B 70 -6.41 -21.81 4.08
N SER B 71 -7.61 -22.27 3.78
CA SER B 71 -7.91 -22.86 2.46
C SER B 71 -9.02 -22.09 1.75
N ASP B 72 -9.58 -21.08 2.41
CA ASP B 72 -10.69 -20.34 1.80
C ASP B 72 -10.27 -19.10 1.06
N LEU B 73 -11.24 -18.37 0.54
CA LEU B 73 -11.08 -17.06 -0.09
C LEU B 73 -10.35 -16.17 0.92
N MET B 74 -9.25 -15.51 0.52
CA MET B 74 -8.51 -14.66 1.47
C MET B 74 -9.38 -13.53 2.06
N ALA B 75 -10.38 -13.04 1.28
CA ALA B 75 -11.30 -12.00 1.77
C ALA B 75 -12.21 -12.57 2.88
N ASN B 76 -12.62 -13.86 2.77
CA ASN B 76 -13.44 -14.54 3.79
C ASN B 76 -12.61 -14.78 5.03
N PHE B 77 -11.36 -15.22 4.83
CA PHE B 77 -10.43 -15.45 5.92
C PHE B 77 -10.22 -14.15 6.73
N ALA B 78 -10.01 -12.99 6.05
CA ALA B 78 -9.84 -11.69 6.76
C ALA B 78 -11.08 -11.42 7.65
N ARG B 79 -12.29 -11.57 7.07
CA ARG B 79 -13.52 -11.31 7.82
C ARG B 79 -13.68 -12.19 9.05
N ASN B 80 -13.38 -13.49 8.91
CA ASN B 80 -13.45 -14.44 10.03
C ASN B 80 -12.41 -14.12 11.11
N GLN B 81 -11.29 -13.52 10.70
CA GLN B 81 -10.24 -13.09 11.65
C GLN B 81 -10.50 -11.70 12.20
N HIS B 82 -11.64 -11.07 11.83
CA HIS B 82 -12.03 -9.71 12.25
C HIS B 82 -10.93 -8.71 11.83
N ALA B 83 -10.34 -8.96 10.68
CA ALA B 83 -9.27 -8.12 10.14
C ALA B 83 -9.90 -7.24 9.06
N THR B 84 -9.69 -5.95 9.15
CA THR B 84 -10.26 -5.03 8.14
C THR B 84 -9.19 -4.61 7.13
N VAL B 85 -7.97 -5.14 7.29
CA VAL B 85 -6.87 -4.78 6.37
C VAL B 85 -6.24 -6.05 5.85
N LEU B 86 -6.00 -6.10 4.52
CA LEU B 86 -5.28 -7.21 3.90
C LEU B 86 -4.00 -6.59 3.34
N ILE B 87 -2.86 -7.10 3.79
CA ILE B 87 -1.51 -6.62 3.38
C ILE B 87 -0.97 -7.46 2.25
N ARG B 88 -0.35 -6.79 1.26
CA ARG B 88 0.38 -7.47 0.18
C ARG B 88 1.66 -6.66 -0.10
N GLY B 89 2.75 -7.36 -0.39
CA GLY B 89 4.01 -6.71 -0.72
C GLY B 89 4.04 -6.43 -2.22
N LEU B 90 4.69 -5.35 -2.66
CA LEU B 90 4.80 -5.02 -4.10
C LEU B 90 6.28 -4.87 -4.44
N ARG B 91 6.79 -5.64 -5.42
CA ARG B 91 8.21 -5.57 -5.80
C ARG B 91 8.40 -5.02 -7.18
N ALA B 92 7.65 -5.57 -8.14
CA ALA B 92 7.86 -5.29 -9.55
C ALA B 92 6.55 -5.08 -10.30
N VAL B 93 6.65 -4.67 -11.57
CA VAL B 93 5.52 -4.39 -12.46
C VAL B 93 4.58 -5.59 -12.61
N ALA B 94 5.13 -6.82 -12.75
CA ALA B 94 4.30 -8.03 -12.86
C ALA B 94 3.49 -8.25 -11.59
N ASP B 95 4.10 -7.97 -10.43
CA ASP B 95 3.40 -8.07 -9.15
C ASP B 95 2.27 -7.06 -9.13
N PHE B 96 2.54 -5.81 -9.56
CA PHE B 96 1.58 -4.71 -9.58
C PHE B 96 0.29 -5.05 -10.37
N GLU B 97 0.43 -5.61 -11.58
CA GLU B 97 -0.73 -5.94 -12.43
C GLU B 97 -1.62 -7.02 -11.80
N TYR B 98 -1.00 -8.07 -11.25
CA TYR B 98 -1.67 -9.16 -10.55
C TYR B 98 -2.36 -8.60 -9.29
N GLU B 99 -1.63 -7.76 -8.50
CA GLU B 99 -2.18 -7.17 -7.27
C GLU B 99 -3.37 -6.26 -7.56
N MET B 100 -3.38 -5.56 -8.71
CA MET B 100 -4.52 -4.70 -9.10
C MET B 100 -5.76 -5.58 -9.32
N GLN B 101 -5.60 -6.69 -10.06
CA GLN B 101 -6.73 -7.61 -10.28
C GLN B 101 -7.21 -8.17 -8.94
N LEU B 102 -6.26 -8.62 -8.10
CA LEU B 102 -6.57 -9.20 -6.80
C LEU B 102 -7.32 -8.22 -5.88
N ALA B 103 -6.83 -6.96 -5.80
CA ALA B 103 -7.43 -5.94 -4.96
C ALA B 103 -8.85 -5.56 -5.40
N HIS B 104 -9.07 -5.38 -6.72
CA HIS B 104 -10.41 -5.04 -7.22
C HIS B 104 -11.39 -6.18 -7.01
N MET B 105 -10.91 -7.43 -7.14
CA MET B 105 -11.77 -8.59 -6.86
C MET B 105 -12.11 -8.67 -5.36
N ASN B 106 -11.10 -8.51 -4.50
CA ASN B 106 -11.34 -8.54 -3.04
C ASN B 106 -12.31 -7.46 -2.60
N ARG B 107 -12.27 -6.30 -3.28
CA ARG B 107 -13.17 -5.20 -2.99
C ARG B 107 -14.59 -5.55 -3.42
N HIS B 108 -14.76 -6.26 -4.55
CA HIS B 108 -16.09 -6.69 -5.00
C HIS B 108 -16.64 -7.70 -3.97
N LEU B 109 -15.79 -8.62 -3.52
CA LEU B 109 -16.19 -9.67 -2.58
C LEU B 109 -16.48 -9.15 -1.16
N MET B 110 -15.61 -8.29 -0.63
N MET B 110 -15.63 -8.24 -0.67
CA MET B 110 -15.73 -7.67 0.70
CA MET B 110 -15.70 -7.66 0.69
C MET B 110 -15.36 -6.18 0.61
C MET B 110 -15.36 -6.17 0.62
N PRO B 111 -16.32 -5.29 0.26
CA PRO B 111 -15.99 -3.84 0.13
C PRO B 111 -15.46 -3.14 1.37
N GLU B 112 -15.75 -3.68 2.56
CA GLU B 112 -15.30 -3.12 3.83
C GLU B 112 -13.86 -3.53 4.15
N LEU B 113 -13.29 -4.44 3.37
CA LEU B 113 -11.91 -4.88 3.59
C LEU B 113 -10.98 -3.99 2.77
N GLU B 114 -9.97 -3.39 3.41
CA GLU B 114 -9.03 -2.55 2.68
C GLU B 114 -7.75 -3.31 2.30
N SER B 115 -7.34 -3.22 1.03
CA SER B 115 -6.07 -3.82 0.60
C SER B 115 -4.99 -2.72 0.76
N VAL B 116 -3.91 -3.06 1.49
N VAL B 116 -3.93 -3.03 1.48
CA VAL B 116 -2.79 -2.15 1.78
CA VAL B 116 -2.83 -2.07 1.59
C VAL B 116 -1.50 -2.73 1.18
C VAL B 116 -1.61 -2.72 1.02
N PHE B 117 -0.74 -1.92 0.42
CA PHE B 117 0.49 -2.40 -0.20
C PHE B 117 1.71 -1.80 0.45
N LEU B 118 2.71 -2.65 0.69
CA LEU B 118 3.97 -2.23 1.27
C LEU B 118 5.06 -2.62 0.28
N MET B 119 6.15 -1.87 0.30
CA MET B 119 7.26 -2.15 -0.59
C MET B 119 8.43 -2.70 0.26
N PRO B 120 9.06 -3.79 -0.15
CA PRO B 120 10.15 -4.33 0.66
C PRO B 120 11.43 -3.52 0.51
N SER B 121 12.44 -3.86 1.30
CA SER B 121 13.75 -3.26 1.18
C SER B 121 14.25 -3.52 -0.26
N LYS B 122 15.14 -2.64 -0.76
CA LYS B 122 15.81 -2.82 -2.05
C LYS B 122 16.53 -4.18 -2.06
N GLU B 123 16.98 -4.63 -0.89
CA GLU B 123 17.70 -5.91 -0.69
C GLU B 123 16.90 -7.11 -1.18
N TRP B 124 15.57 -7.06 -1.02
CA TRP B 124 14.67 -8.18 -1.37
C TRP B 124 13.78 -7.91 -2.54
N SER B 125 14.01 -6.79 -3.26
CA SER B 125 13.14 -6.36 -4.36
C SER B 125 13.30 -7.16 -5.65
N PHE B 126 14.35 -8.01 -5.74
CA PHE B 126 14.62 -8.78 -6.97
C PHE B 126 14.60 -10.28 -6.73
N ILE B 127 14.04 -10.70 -5.58
CA ILE B 127 13.95 -12.13 -5.28
C ILE B 127 12.50 -12.55 -5.16
N SER B 128 12.29 -13.86 -5.20
CA SER B 128 10.99 -14.49 -4.94
C SER B 128 11.29 -15.86 -4.36
N SER B 129 10.30 -16.54 -3.75
CA SER B 129 10.50 -17.89 -3.23
C SER B 129 10.91 -18.82 -4.40
N SER B 130 10.29 -18.63 -5.57
CA SER B 130 10.54 -19.43 -6.77
C SER B 130 11.98 -19.28 -7.26
N LEU B 131 12.48 -18.02 -7.35
CA LEU B 131 13.87 -17.79 -7.75
C LEU B 131 14.83 -18.44 -6.74
N VAL B 132 14.61 -18.21 -5.44
CA VAL B 132 15.45 -18.75 -4.39
C VAL B 132 15.48 -20.31 -4.43
N LYS B 133 14.32 -20.97 -4.58
CA LYS B 133 14.29 -22.43 -4.67
C LYS B 133 15.09 -22.94 -5.87
N GLU B 134 14.94 -22.29 -7.03
CA GLU B 134 15.62 -22.71 -8.25
C GLU B 134 17.13 -22.54 -8.18
N VAL B 135 17.58 -21.44 -7.56
CA VAL B 135 19.01 -21.18 -7.33
C VAL B 135 19.55 -22.28 -6.41
N ALA B 136 18.85 -22.58 -5.28
CA ALA B 136 19.28 -23.63 -4.34
C ALA B 136 19.29 -25.01 -5.04
N ARG B 137 18.27 -25.31 -5.89
CA ARG B 137 18.23 -26.58 -6.64
C ARG B 137 19.45 -26.73 -7.55
N HIS B 138 19.93 -25.60 -8.12
CA HIS B 138 21.13 -25.57 -8.96
C HIS B 138 22.40 -25.35 -8.14
N GLN B 139 22.31 -25.57 -6.80
CA GLN B 139 23.46 -25.59 -5.89
C GLN B 139 24.08 -24.21 -5.65
N GLY B 140 23.27 -23.17 -5.75
CA GLY B 140 23.72 -21.81 -5.54
C GLY B 140 23.52 -21.35 -4.10
N ASP B 141 24.36 -20.40 -3.69
CA ASP B 141 24.31 -19.87 -2.33
C ASP B 141 23.12 -18.90 -2.15
N VAL B 142 22.11 -19.30 -1.37
CA VAL B 142 20.93 -18.46 -1.07
C VAL B 142 20.79 -18.09 0.40
N THR B 143 21.82 -18.37 1.23
CA THR B 143 21.80 -18.10 2.67
C THR B 143 21.35 -16.66 3.02
N HIS B 144 21.83 -15.69 2.26
CA HIS B 144 21.52 -14.27 2.46
C HIS B 144 20.01 -13.95 2.35
N PHE B 145 19.24 -14.76 1.59
CA PHE B 145 17.82 -14.45 1.31
C PHE B 145 16.81 -15.09 2.24
N LEU B 146 17.28 -15.93 3.14
CA LEU B 146 16.42 -16.72 4.00
C LEU B 146 16.66 -16.60 5.49
N PRO B 147 15.61 -16.73 6.30
CA PRO B 147 15.84 -16.89 7.75
C PRO B 147 16.65 -18.18 7.95
N GLU B 148 17.45 -18.21 9.01
CA GLU B 148 18.30 -19.36 9.35
C GLU B 148 17.54 -20.71 9.29
N ASN B 149 16.37 -20.81 9.94
CA ASN B 149 15.59 -22.06 9.98
C ASN B 149 15.13 -22.51 8.58
N VAL B 150 14.80 -21.56 7.71
CA VAL B 150 14.35 -21.83 6.35
C VAL B 150 15.54 -22.37 5.51
N HIS B 151 16.72 -21.75 5.71
CA HIS B 151 17.97 -22.15 5.05
C HIS B 151 18.29 -23.60 5.46
N GLN B 152 18.09 -23.94 6.76
CA GLN B 152 18.29 -25.31 7.27
C GLN B 152 17.31 -26.27 6.61
N ALA B 153 16.00 -25.92 6.55
CA ALA B 153 14.95 -26.78 5.99
C ALA B 153 15.12 -26.99 4.47
N LEU B 154 15.52 -25.95 3.74
CA LEU B 154 15.71 -26.04 2.28
C LEU B 154 16.89 -26.94 1.96
N MET B 155 17.98 -26.83 2.71
CA MET B 155 19.16 -27.69 2.54
C MET B 155 18.76 -29.15 2.81
N ALA B 156 18.01 -29.39 3.89
CA ALA B 156 17.60 -30.76 4.23
C ALA B 156 16.67 -31.36 3.16
N LYS B 157 15.74 -30.56 2.63
CA LYS B 157 14.79 -31.02 1.59
C LYS B 157 15.52 -31.38 0.28
N LEU B 158 16.45 -30.53 -0.15
CA LEU B 158 17.24 -30.76 -1.35
C LEU B 158 18.25 -31.90 -1.24
N ALA B 159 18.74 -32.19 -0.02
CA ALA B 159 19.68 -33.27 0.21
C ALA B 159 19.08 -34.66 -0.11
N VAL B 160 17.77 -34.83 0.11
CA VAL B 160 17.09 -36.13 -0.10
C VAL B 160 16.32 -36.24 -1.43
C1 F6D C . 10.97 11.90 -8.25
C2 F6D C . 11.69 11.35 -9.32
C3 F6D C . 12.32 12.20 -10.22
C11 F6D C . 11.27 13.30 -2.05
C12 F6D C . 11.83 11.97 -1.67
C13 F6D C . 10.15 15.20 -1.45
C14 F6D C . 9.06 16.99 -1.58
C15 F6D C . 7.71 19.00 -2.08
C16 F6D C . 7.16 20.20 -1.27
C17 F6D C . 6.64 21.28 -2.11
C18 F6D C . 6.60 18.32 -2.87
C19 F6D C . 6.33 18.67 -4.19
C20 F6D C . 5.32 18.04 -4.91
C21 F6D C . 4.56 17.05 -4.31
C22 F6D C . 4.84 16.70 -3.00
C23 F6D C . 5.84 17.31 -2.28
CL F6D C . 3.86 15.48 -2.22
N5 F6D C . 6.27 22.15 -2.73
N4 F6D C . 8.32 18.07 -1.14
N3 F6D C . 9.54 16.09 -0.68
N6 F6D C . 9.35 16.77 -2.86
N7 F6D C . 10.06 15.59 -2.76
N2 F6D C . 10.75 14.04 -1.07
C10 F6D C . 11.25 13.71 -3.41
C9 F6D C . 10.62 14.89 -3.79
N1 F6D C . 10.47 15.44 -5.01
C8 F6D C . 11.04 14.81 -6.19
C7 F6D C . 10.07 13.84 -6.91
N F6D C . 8.91 14.62 -7.36
C6 F6D C . 10.88 13.28 -8.08
O F6D C . 10.31 11.14 -7.31
C F6D C . 10.33 9.73 -7.47
C5 F6D C . 11.53 14.10 -9.00
C4 F6D C . 12.24 13.57 -10.05
S SO4 D . 2.09 14.56 -6.70
O1 SO4 D . 2.05 13.42 -7.56
O2 SO4 D . 2.76 15.68 -7.33
O3 SO4 D . 0.77 14.93 -6.31
O4 SO4 D . 2.81 14.22 -5.49
S SO4 E . -2.93 13.02 -9.76
O1 SO4 E . -1.98 12.15 -10.45
O2 SO4 E . -2.74 14.32 -10.31
O3 SO4 E . -2.66 13.07 -8.32
O4 SO4 E . -4.27 12.54 -9.99
S SO4 F . 9.12 21.68 -6.03
O1 SO4 F . 10.28 21.72 -6.91
O2 SO4 F . 9.27 22.72 -5.03
O3 SO4 F . 9.05 20.37 -5.42
O4 SO4 F . 7.90 21.90 -6.78
S DMS G . -0.91 10.50 -4.95
O DMS G . -2.25 9.83 -4.84
C1 DMS G . -0.54 10.61 -6.67
C2 DMS G . -1.28 12.23 -4.69
S DMS H . -4.75 7.76 -7.12
O DMS H . -5.55 7.51 -8.32
C1 DMS H . -3.29 8.49 -7.78
C2 DMS H . -5.51 9.22 -6.47
S SO4 I . -13.91 -0.76 -6.95
O1 SO4 I . -12.48 -0.93 -6.76
O2 SO4 I . -14.21 -0.39 -8.32
O3 SO4 I . -14.43 0.33 -6.13
O4 SO4 I . -14.60 -1.97 -6.56
C1 F6D J . -5.36 -14.25 -10.07
C2 F6D J . -5.35 -13.96 -11.43
C3 F6D J . -5.52 -14.99 -12.35
C11 F6D J . -9.01 -14.14 -4.85
C12 F6D J . -9.67 -12.84 -5.16
C13 F6D J . -8.50 -15.75 -3.32
C14 F6D J . -7.65 -17.46 -2.44
C15 F6D J . -6.49 -19.51 -1.58
C16 F6D J . -6.57 -20.43 -0.35
C17 F6D J . -5.75 -21.63 -0.45
C18 F6D J . -5.07 -19.05 -1.84
C19 F6D J . -4.27 -19.68 -2.79
C20 F6D J . -2.99 -19.21 -3.07
C21 F6D J . -2.50 -18.09 -2.42
C22 F6D J . -3.29 -17.47 -1.48
C23 F6D J . -4.56 -17.94 -1.17
CL F6D J . -2.70 -16.06 -0.67
N5 F6D J . -5.13 -22.58 -0.51
N4 F6D J . -7.38 -18.37 -1.40
N3 F6D J . -8.45 -16.39 -2.16
N6 F6D J . -7.21 -17.56 -3.69
N7 F6D J . -7.78 -16.45 -4.26
N2 F6D J . -9.13 -14.58 -3.60
C10 F6D J . -8.29 -14.84 -5.85
C9 F6D J . -7.67 -16.04 -5.57
N1 F6D J . -7.07 -16.93 -6.39
C8 F6D J . -6.85 -16.70 -7.81
C7 F6D J . -5.56 -15.84 -8.10
N F6D J . -4.37 -16.55 -7.63
C6 F6D J . -5.53 -15.56 -9.61
O F6D J . -5.23 -13.30 -9.08
C F6D J . -5.16 -11.93 -9.49
C5 F6D J . -5.71 -16.57 -10.55
C4 F6D J . -5.71 -16.29 -11.90
S SO4 K . 1.03 -15.65 -3.45
O1 SO4 K . 1.90 -15.68 -2.32
O2 SO4 K . 1.54 -14.69 -4.43
O3 SO4 K . 0.86 -16.96 -4.05
O4 SO4 K . -0.27 -15.16 -2.99
S SO4 L . -4.78 -20.06 -6.80
O1 SO4 L . -5.20 -20.39 -8.16
O2 SO4 L . -3.64 -19.17 -6.87
O3 SO4 L . -4.33 -21.22 -6.11
O4 SO4 L . -5.88 -19.43 -6.09
S SO4 M . 6.88 -14.59 -3.53
O1 SO4 M . 8.19 -14.11 -3.11
O2 SO4 M . 6.53 -13.97 -4.79
O3 SO4 M . 6.89 -16.00 -3.72
O4 SO4 M . 5.90 -14.25 -2.51
S SO4 N . 15.49 0.02 1.82
O1 SO4 N . 16.01 1.24 2.43
O2 SO4 N . 16.38 -0.53 0.82
O3 SO4 N . 15.44 -0.94 2.91
O4 SO4 N . 14.22 0.28 1.19
S DMS O . 2.69 -11.08 -1.16
O DMS O . 3.88 -10.41 -0.51
C1 DMS O . 3.28 -11.63 -2.72
C2 DMS O . 2.60 -12.68 -0.36
S SO4 P . 9.45 -23.18 -8.50
O1 SO4 P . 10.84 -23.15 -8.01
O2 SO4 P . 9.44 -22.60 -9.85
O3 SO4 P . 8.61 -22.38 -7.62
O4 SO4 P . 8.96 -24.55 -8.54
S DMS Q . 7.38 -8.62 -1.31
O DMS Q . 8.79 -8.69 -1.70
C1 DMS Q . 6.46 -9.28 -2.67
C2 DMS Q . 7.28 -10.00 -0.21
O1 PG4 R . 11.24 -2.35 9.86
C1 PG4 R . 12.29 -2.98 9.15
C2 PG4 R . 11.87 -4.32 8.64
O2 PG4 R . 13.01 -5.12 8.35
C3 PG4 R . 13.35 -6.08 9.35
C4 PG4 R . 13.26 -7.47 8.83
O3 PG4 R . 14.11 -7.64 7.70
C5 PG4 R . 13.93 -8.88 7.04
C6 PG4 R . 15.23 -9.39 6.58
O4 PG4 R . 16.10 -9.68 7.67
C7 PG4 R . 17.46 -9.81 7.28
C8 PG4 R . 18.30 -8.76 7.95
O5 PG4 R . 17.88 -7.44 7.60
#